data_3BY6
#
_entry.id   3BY6
#
_cell.length_a   83.434
_cell.length_b   103.893
_cell.length_c   131.393
_cell.angle_alpha   90.00
_cell.angle_beta   102.85
_cell.angle_gamma   90.00
#
_symmetry.space_group_name_H-M   'C 1 2 1'
#
loop_
_entity.id
_entity.type
_entity.pdbx_description
1 polymer 'Predicted transcriptional regulator'
2 non-polymer 'CALCIUM ION'
3 water water
#
_entity_poly.entity_id   1
_entity_poly.type   'polypeptide(L)'
_entity_poly.pdbx_seq_one_letter_code
;FQAMAITQKRPVYLQLVDRIKNEVATDVLSANDQLPSVRETALQEKINPNTVAKAYKELEAQKVIRTIPGKGTFITGNTA
SVKNSNQNRLLADLSQVIAELIKSGVKGERIKKIVNDILGGKNAEN
;
_entity_poly.pdbx_strand_id   A,B,C,D,E
#
# COMPACT_ATOMS: atom_id res chain seq x y z
N GLN A 2 20.82 -23.00 -14.14
CA GLN A 2 19.33 -23.15 -14.21
C GLN A 2 18.65 -23.26 -12.83
N ALA A 3 19.42 -23.47 -11.75
CA ALA A 3 18.85 -23.54 -10.41
C ALA A 3 18.20 -22.20 -10.08
N MET A 4 17.20 -22.20 -9.21
CA MET A 4 16.43 -20.99 -8.97
C MET A 4 17.30 -19.98 -8.26
N ALA A 5 17.00 -18.70 -8.51
CA ALA A 5 17.66 -17.59 -7.82
C ALA A 5 16.98 -17.42 -6.46
N ILE A 6 17.75 -17.25 -5.42
CA ILE A 6 17.22 -17.05 -4.09
C ILE A 6 17.33 -15.55 -3.79
N THR A 7 16.24 -14.95 -3.30
CA THR A 7 16.26 -13.55 -2.92
C THR A 7 16.71 -13.46 -1.47
N GLN A 8 17.70 -12.60 -1.22
CA GLN A 8 18.24 -12.45 0.12
C GLN A 8 17.51 -11.33 0.86
N LYS A 9 17.75 -11.26 2.16
CA LYS A 9 17.35 -10.09 2.97
C LYS A 9 17.73 -8.79 2.22
N ARG A 10 16.84 -7.80 2.23
CA ARG A 10 17.20 -6.50 1.71
C ARG A 10 18.11 -5.86 2.78
N PRO A 11 19.28 -5.32 2.39
CA PRO A 11 20.18 -4.88 3.50
C PRO A 11 19.44 -3.87 4.39
N VAL A 12 19.68 -3.93 5.69
CA VAL A 12 18.97 -3.07 6.62
C VAL A 12 19.14 -1.59 6.25
N TYR A 13 20.31 -1.22 5.73
CA TYR A 13 20.58 0.19 5.45
C TYR A 13 19.74 0.68 4.27
N LEU A 14 19.41 -0.26 3.37
CA LEU A 14 18.54 0.07 2.23
C LEU A 14 17.07 0.08 2.63
N GLN A 15 16.71 -0.69 3.64
CA GLN A 15 15.36 -0.61 4.22
C GLN A 15 15.08 0.76 4.87
N LEU A 16 16.12 1.32 5.47
CA LEU A 16 16.01 2.63 6.11
C LEU A 16 16.00 3.71 5.05
N VAL A 17 16.82 3.57 4.03
CA VAL A 17 16.76 4.47 2.86
C VAL A 17 15.33 4.47 2.34
N ASP A 18 14.77 3.26 2.15
CA ASP A 18 13.39 3.14 1.65
C ASP A 18 12.38 3.91 2.50
N ARG A 19 12.46 3.71 3.81
CA ARG A 19 11.58 4.35 4.79
C ARG A 19 11.66 5.86 4.74
N ILE A 20 12.86 6.41 4.81
CA ILE A 20 13.00 7.86 4.77
C ILE A 20 12.51 8.44 3.45
N LYS A 21 12.83 7.73 2.37
CA LYS A 21 12.45 8.14 1.02
C LYS A 21 10.96 8.20 0.85
N ASN A 22 10.26 7.21 1.43
CA ASN A 22 8.82 7.11 1.30
C ASN A 22 8.14 8.13 2.20
N GLU A 23 8.69 8.30 3.37
CA GLU A 23 8.26 9.37 4.22
C GLU A 23 8.37 10.74 3.59
N VAL A 24 9.45 10.99 2.84
CA VAL A 24 9.53 12.23 2.03
C VAL A 24 8.45 12.28 0.95
N ALA A 25 8.30 11.19 0.19
CA ALA A 25 7.27 11.09 -0.87
C ALA A 25 5.83 11.27 -0.35
N THR A 26 5.54 10.81 0.86
CA THR A 26 4.20 10.93 1.42
C THR A 26 3.99 12.13 2.37
N ASP A 27 4.98 13.03 2.44
CA ASP A 27 5.01 14.26 3.26
C ASP A 27 4.92 14.03 4.74
N VAL A 28 5.29 12.86 5.23
CA VAL A 28 5.59 12.75 6.64
C VAL A 28 6.81 13.67 6.87
N LEU A 29 7.82 13.56 6.00
CA LEU A 29 8.98 14.46 6.02
C LEU A 29 8.94 15.46 4.88
N SER A 30 8.98 16.74 5.22
CA SER A 30 8.88 17.82 4.24
C SER A 30 10.26 18.32 3.85
N ALA A 31 10.28 19.08 2.76
CA ALA A 31 11.48 19.74 2.29
C ALA A 31 12.10 20.62 3.38
N ASN A 32 13.39 20.39 3.60
CA ASN A 32 14.22 21.15 4.51
C ASN A 32 14.00 20.83 5.98
N ASP A 33 13.15 19.86 6.27
CA ASP A 33 12.99 19.38 7.64
C ASP A 33 14.34 18.84 8.14
N GLN A 34 14.64 19.10 9.41
CA GLN A 34 15.80 18.51 10.04
C GLN A 34 15.50 17.04 10.25
N LEU A 35 16.46 16.21 9.91
CA LEU A 35 16.35 14.81 10.08
C LEU A 35 17.10 14.52 11.37
N PRO A 36 16.74 13.47 12.11
CA PRO A 36 17.55 13.21 13.31
C PRO A 36 19.00 12.86 12.95
N SER A 37 19.89 12.85 13.94
CA SER A 37 21.26 12.50 13.74
C SER A 37 21.38 11.00 13.52
N VAL A 38 22.55 10.55 13.09
CA VAL A 38 22.83 9.12 12.98
C VAL A 38 22.59 8.50 14.33
N ARG A 39 23.14 9.10 15.41
CA ARG A 39 22.89 8.60 16.77
C ARG A 39 21.38 8.42 17.11
N GLU A 40 20.62 9.52 16.99
CA GLU A 40 19.20 9.54 17.28
C GLU A 40 18.44 8.49 16.45
N THR A 41 18.71 8.44 15.16
CA THR A 41 18.13 7.39 14.33
C THR A 41 18.54 5.99 14.82
N ALA A 42 19.80 5.74 15.04
CA ALA A 42 20.26 4.43 15.52
C ALA A 42 19.52 4.07 16.82
N LEU A 43 19.25 5.07 17.66
CA LEU A 43 18.69 4.88 19.01
C LEU A 43 17.19 4.63 18.91
N GLN A 44 16.50 5.42 18.09
CA GLN A 44 15.07 5.27 17.80
C GLN A 44 14.70 4.01 17.00
N GLU A 45 15.54 3.61 16.05
CA GLU A 45 15.21 2.48 15.22
C GLU A 45 15.89 1.20 15.64
N LYS A 46 16.66 1.21 16.71
CA LYS A 46 17.53 0.08 17.06
C LYS A 46 18.30 -0.51 15.87
N ILE A 47 19.09 0.34 15.22
CA ILE A 47 19.94 -0.02 14.07
C ILE A 47 21.34 0.42 14.46
N ASN A 48 22.37 -0.39 14.19
CA ASN A 48 23.80 0.01 14.38
C ASN A 48 24.08 1.34 13.67
N PRO A 49 24.71 2.33 14.37
CA PRO A 49 25.01 3.62 13.77
C PRO A 49 25.73 3.60 12.44
N ASN A 50 26.64 2.64 12.25
CA ASN A 50 27.32 2.41 10.99
C ASN A 50 26.33 2.15 9.85
N THR A 51 25.32 1.31 10.11
CA THR A 51 24.28 1.05 9.14
C THR A 51 23.50 2.33 8.91
N VAL A 52 23.15 3.07 9.96
CA VAL A 52 22.46 4.38 9.75
C VAL A 52 23.29 5.37 8.91
N ALA A 53 24.59 5.38 9.12
CA ALA A 53 25.50 6.28 8.42
C ALA A 53 25.59 5.85 6.98
N LYS A 54 25.62 4.54 6.76
CA LYS A 54 25.52 3.96 5.42
C LYS A 54 24.19 4.33 4.74
N ALA A 55 23.06 4.12 5.41
CA ALA A 55 21.83 4.73 4.95
C ALA A 55 21.90 6.20 4.52
N TYR A 56 22.41 7.07 5.40
CA TYR A 56 22.40 8.52 5.21
C TYR A 56 23.29 8.94 4.02
N LYS A 57 24.40 8.23 3.90
CA LYS A 57 25.27 8.36 2.74
C LYS A 57 24.54 8.00 1.44
N GLU A 58 23.93 6.83 1.39
CA GLU A 58 23.10 6.47 0.25
C GLU A 58 22.02 7.53 -0.08
N LEU A 59 21.20 7.89 0.91
CA LEU A 59 20.19 8.95 0.78
C LEU A 59 20.76 10.25 0.25
N GLU A 60 21.97 10.59 0.68
CA GLU A 60 22.58 11.81 0.18
C GLU A 60 23.00 11.70 -1.31
N ALA A 61 23.60 10.56 -1.67
CA ALA A 61 23.94 10.19 -3.05
C ALA A 61 22.72 10.28 -3.97
N GLN A 62 21.58 9.81 -3.49
CA GLN A 62 20.32 9.93 -4.24
C GLN A 62 19.62 11.27 -4.14
N LYS A 63 20.25 12.21 -3.39
CA LYS A 63 19.80 13.60 -3.17
C LYS A 63 18.50 13.70 -2.39
N VAL A 64 18.30 12.80 -1.44
CA VAL A 64 17.09 12.85 -0.64
C VAL A 64 17.37 13.69 0.62
N ILE A 65 18.63 13.70 1.03
CA ILE A 65 19.05 14.49 2.16
C ILE A 65 20.35 15.20 1.88
N ARG A 66 20.64 16.20 2.71
CA ARG A 66 21.92 16.90 2.73
C ARG A 66 22.36 17.31 4.13
N THR A 67 23.65 17.45 4.30
CA THR A 67 24.21 17.92 5.56
C THR A 67 24.72 19.36 5.46
N ILE A 68 24.46 20.14 6.50
CA ILE A 68 24.97 21.49 6.62
C ILE A 68 25.95 21.46 7.79
N PRO A 69 27.23 21.80 7.53
CA PRO A 69 28.29 21.83 8.54
C PRO A 69 27.85 22.56 9.80
N GLY A 70 27.90 21.88 10.94
CA GLY A 70 27.47 22.49 12.20
C GLY A 70 25.97 22.51 12.54
N LYS A 71 25.15 22.19 11.56
CA LYS A 71 23.70 22.34 11.64
C LYS A 71 22.96 21.01 11.57
N GLY A 72 23.61 19.97 11.05
CA GLY A 72 22.99 18.65 10.91
C GLY A 72 22.50 18.24 9.50
N THR A 73 21.56 17.32 9.49
CA THR A 73 21.09 16.65 8.28
C THR A 73 19.64 16.99 8.07
N PHE A 74 19.31 17.34 6.81
CA PHE A 74 18.07 17.92 6.37
C PHE A 74 17.52 17.18 5.16
N ILE A 75 16.20 17.11 5.07
CA ILE A 75 15.55 16.64 3.85
C ILE A 75 15.92 17.68 2.79
N THR A 76 16.29 17.23 1.61
CA THR A 76 16.49 18.08 0.45
C THR A 76 15.37 19.10 0.26
N GLY A 77 15.68 20.17 -0.45
CA GLY A 77 14.69 21.09 -0.97
C GLY A 77 14.14 20.60 -2.28
N ASN A 78 14.88 19.68 -2.91
CA ASN A 78 14.50 19.10 -4.22
C ASN A 78 13.59 17.89 -4.01
N THR A 79 12.47 18.15 -3.36
CA THR A 79 11.56 17.14 -2.87
C THR A 79 10.57 16.63 -3.97
N ALA A 80 10.23 17.49 -4.94
CA ALA A 80 9.41 17.06 -6.07
C ALA A 80 10.14 15.99 -6.87
N SER A 81 11.47 16.08 -6.97
CA SER A 81 12.22 15.06 -7.67
C SER A 81 12.19 13.70 -6.95
N VAL A 82 12.15 13.72 -5.62
CA VAL A 82 12.04 12.49 -4.82
C VAL A 82 10.68 11.77 -5.01
N LYS A 83 9.61 12.56 -5.02
CA LYS A 83 8.25 12.11 -5.25
C LYS A 83 8.11 11.45 -6.64
N ASN A 84 8.71 12.06 -7.68
CA ASN A 84 8.64 11.52 -9.04
C ASN A 84 9.39 10.22 -9.15
N SER A 85 10.58 10.16 -8.57
CA SER A 85 11.30 8.90 -8.55
C SER A 85 10.51 7.81 -7.79
N ASN A 86 9.74 8.22 -6.79
CA ASN A 86 8.95 7.26 -6.00
C ASN A 86 7.82 6.67 -6.84
N GLN A 87 7.06 7.58 -7.45
CA GLN A 87 6.05 7.20 -8.44
C GLN A 87 6.58 6.29 -9.51
N ASN A 88 7.83 6.47 -9.91
CA ASN A 88 8.42 5.61 -10.94
C ASN A 88 8.66 4.21 -10.44
N ARG A 89 9.13 4.10 -9.20
CA ARG A 89 9.27 2.80 -8.55
C ARG A 89 7.93 2.07 -8.57
N LEU A 90 6.88 2.81 -8.24
CA LEU A 90 5.53 2.32 -8.12
C LEU A 90 4.91 1.93 -9.47
N LEU A 91 5.17 2.76 -10.48
CA LEU A 91 4.76 2.53 -11.85
C LEU A 91 5.46 1.30 -12.40
N ALA A 92 6.72 1.11 -12.06
CA ALA A 92 7.39 -0.12 -12.46
C ALA A 92 6.66 -1.34 -11.88
N ASP A 93 6.22 -1.22 -10.62
CA ASP A 93 5.52 -2.32 -9.93
C ASP A 93 4.18 -2.54 -10.56
N LEU A 94 3.43 -1.46 -10.78
CA LEU A 94 2.18 -1.54 -11.55
C LEU A 94 2.34 -2.31 -12.85
N SER A 95 3.38 -1.98 -13.60
CA SER A 95 3.65 -2.57 -14.90
C SER A 95 3.89 -4.06 -14.74
N GLN A 96 4.70 -4.43 -13.76
CA GLN A 96 5.03 -5.82 -13.48
C GLN A 96 3.84 -6.70 -13.01
N VAL A 97 2.97 -6.19 -12.14
CA VAL A 97 1.79 -6.94 -11.69
C VAL A 97 0.82 -7.18 -12.86
N ILE A 98 0.60 -6.15 -13.67
CA ILE A 98 -0.26 -6.26 -14.82
C ILE A 98 0.33 -7.28 -15.81
N ALA A 99 1.63 -7.21 -16.06
CA ALA A 99 2.25 -8.22 -16.93
C ALA A 99 2.01 -9.65 -16.42
N GLU A 100 2.11 -9.84 -15.11
CA GLU A 100 2.03 -11.18 -14.51
C GLU A 100 0.57 -11.66 -14.49
N LEU A 101 -0.34 -10.72 -14.34
CA LEU A 101 -1.77 -10.95 -14.52
C LEU A 101 -2.10 -11.38 -15.96
N ILE A 102 -1.71 -10.62 -16.99
CA ILE A 102 -2.07 -11.11 -18.33
C ILE A 102 -1.38 -12.45 -18.58
N LYS A 103 -0.19 -12.63 -18.02
CA LYS A 103 0.48 -13.94 -18.13
C LYS A 103 -0.24 -15.06 -17.36
N SER A 104 -0.98 -14.70 -16.31
CA SER A 104 -1.74 -15.66 -15.53
C SER A 104 -3.03 -16.04 -16.26
N GLY A 105 -3.25 -15.46 -17.42
CA GLY A 105 -4.47 -15.72 -18.19
C GLY A 105 -5.53 -14.65 -18.09
N VAL A 106 -5.31 -13.58 -17.30
CA VAL A 106 -6.31 -12.49 -17.24
C VAL A 106 -6.13 -11.60 -18.48
N LYS A 107 -7.18 -11.47 -19.28
CA LYS A 107 -7.19 -10.61 -20.45
C LYS A 107 -7.15 -9.14 -20.06
N GLY A 108 -6.56 -8.32 -20.92
CA GLY A 108 -6.41 -6.88 -20.68
C GLY A 108 -7.69 -6.10 -20.48
N GLU A 109 -8.71 -6.48 -21.23
CA GLU A 109 -9.99 -5.76 -21.21
C GLU A 109 -10.63 -5.92 -19.83
N ARG A 110 -10.34 -7.05 -19.17
CA ARG A 110 -10.85 -7.36 -17.83
C ARG A 110 -10.00 -6.72 -16.76
N ILE A 111 -8.67 -6.66 -16.96
CA ILE A 111 -7.80 -5.85 -16.10
C ILE A 111 -8.31 -4.39 -16.12
N LYS A 112 -8.73 -3.88 -17.28
CA LYS A 112 -9.27 -2.53 -17.36
C LYS A 112 -10.48 -2.38 -16.45
N LYS A 113 -11.42 -3.30 -16.60
CA LYS A 113 -12.65 -3.36 -15.78
C LYS A 113 -12.34 -3.42 -14.28
N ILE A 114 -11.46 -4.34 -13.90
CA ILE A 114 -11.05 -4.53 -12.51
C ILE A 114 -10.45 -3.27 -11.93
N VAL A 115 -9.52 -2.66 -12.67
CA VAL A 115 -8.88 -1.44 -12.27
C VAL A 115 -9.92 -0.33 -12.09
N ASN A 116 -10.86 -0.23 -13.01
CA ASN A 116 -11.93 0.77 -12.88
C ASN A 116 -12.78 0.57 -11.60
N ASP A 117 -13.09 -0.69 -11.28
CA ASP A 117 -13.74 -1.07 -10.01
C ASP A 117 -12.89 -0.68 -8.80
N ILE A 118 -11.61 -1.04 -8.83
CA ILE A 118 -10.69 -0.71 -7.72
C ILE A 118 -10.61 0.80 -7.49
N LEU A 119 -10.79 1.60 -8.54
CA LEU A 119 -10.67 3.05 -8.48
C LEU A 119 -12.01 3.79 -8.20
N GLY A 120 -13.14 3.08 -8.32
CA GLY A 120 -14.47 3.70 -8.13
C GLY A 120 -14.83 4.08 -6.69
N ALA B 3 42.51 22.15 -15.54
CA ALA B 3 41.49 21.76 -14.52
C ALA B 3 40.09 22.17 -14.98
N MET B 4 40.01 23.24 -15.78
CA MET B 4 38.72 23.66 -16.34
C MET B 4 38.19 22.54 -17.24
N ALA B 5 36.95 22.10 -16.99
CA ALA B 5 36.32 21.08 -17.82
C ALA B 5 35.85 21.67 -19.16
N ILE B 6 36.19 20.96 -20.23
CA ILE B 6 35.78 21.34 -21.60
C ILE B 6 34.59 20.49 -22.02
N THR B 7 33.42 21.12 -22.10
CA THR B 7 32.22 20.49 -22.60
C THR B 7 32.35 20.22 -24.12
N GLN B 8 32.33 18.94 -24.49
CA GLN B 8 32.40 18.54 -25.89
C GLN B 8 31.02 18.58 -26.58
N LYS B 9 31.03 18.41 -27.90
CA LYS B 9 29.78 18.34 -28.66
C LYS B 9 28.97 17.16 -28.13
N ARG B 10 27.67 17.35 -27.93
CA ARG B 10 26.85 16.23 -27.50
C ARG B 10 26.73 15.29 -28.69
N PRO B 11 27.15 14.02 -28.52
CA PRO B 11 27.12 13.04 -29.61
C PRO B 11 25.78 13.05 -30.30
N VAL B 12 25.79 12.95 -31.62
CA VAL B 12 24.53 13.13 -32.37
C VAL B 12 23.50 12.09 -31.95
N TYR B 13 23.95 10.86 -31.68
CA TYR B 13 23.03 9.78 -31.34
C TYR B 13 22.27 10.09 -30.09
N LEU B 14 22.94 10.79 -29.17
CA LEU B 14 22.37 11.16 -27.85
C LEU B 14 21.47 12.38 -27.97
N GLN B 15 21.82 13.31 -28.85
CA GLN B 15 20.90 14.36 -29.28
C GLN B 15 19.60 13.81 -29.86
N LEU B 16 19.66 12.65 -30.54
CA LEU B 16 18.43 12.02 -31.06
C LEU B 16 17.65 11.34 -29.93
N VAL B 17 18.37 10.67 -29.02
CA VAL B 17 17.74 10.16 -27.81
C VAL B 17 16.97 11.28 -27.09
N ASP B 18 17.61 12.42 -26.90
CA ASP B 18 16.97 13.56 -26.25
C ASP B 18 15.70 13.95 -26.97
N ARG B 19 15.80 14.07 -28.28
CA ARG B 19 14.68 14.51 -29.09
C ARG B 19 13.47 13.59 -28.91
N ILE B 20 13.71 12.29 -29.12
CA ILE B 20 12.65 11.29 -29.04
C ILE B 20 12.07 11.21 -27.64
N LYS B 21 12.90 11.28 -26.60
CA LYS B 21 12.43 11.40 -25.20
C LYS B 21 11.60 12.64 -24.96
N ASN B 22 12.04 13.78 -25.43
CA ASN B 22 11.19 14.96 -25.26
C ASN B 22 9.85 14.83 -25.99
N GLU B 23 9.85 14.13 -27.12
CA GLU B 23 8.62 13.99 -27.90
C GLU B 23 7.58 13.11 -27.18
N VAL B 24 8.07 12.03 -26.57
CA VAL B 24 7.24 11.25 -25.68
C VAL B 24 6.73 12.12 -24.49
N ALA B 25 7.63 12.79 -23.78
CA ALA B 25 7.24 13.66 -22.68
C ALA B 25 6.18 14.71 -23.09
N THR B 26 6.31 15.26 -24.27
CA THR B 26 5.38 16.28 -24.76
C THR B 26 4.19 15.70 -25.56
N ASP B 27 4.03 14.37 -25.59
CA ASP B 27 2.94 13.70 -26.34
C ASP B 27 2.84 14.00 -27.85
N VAL B 28 3.95 14.42 -28.45
CA VAL B 28 4.09 14.35 -29.91
C VAL B 28 4.09 12.86 -30.29
N LEU B 29 4.73 12.05 -29.44
CA LEU B 29 4.73 10.60 -29.56
C LEU B 29 4.01 10.06 -28.33
N SER B 30 3.12 9.10 -28.55
CA SER B 30 2.27 8.55 -27.51
C SER B 30 2.69 7.11 -27.23
N ALA B 31 2.25 6.58 -26.08
CA ALA B 31 2.49 5.17 -25.70
C ALA B 31 2.12 4.19 -26.81
N ASN B 32 3.05 3.29 -27.11
CA ASN B 32 2.87 2.18 -28.05
C ASN B 32 2.77 2.61 -29.53
N ASP B 33 2.92 3.91 -29.85
CA ASP B 33 3.11 4.35 -31.24
C ASP B 33 4.29 3.61 -31.84
N GLN B 34 4.13 3.16 -33.07
CA GLN B 34 5.25 2.61 -33.83
C GLN B 34 6.15 3.72 -34.32
N LEU B 35 7.44 3.45 -34.21
CA LEU B 35 8.50 4.35 -34.64
C LEU B 35 8.90 3.85 -36.03
N PRO B 36 9.38 4.75 -36.91
CA PRO B 36 9.96 4.28 -38.16
C PRO B 36 11.15 3.34 -37.93
N SER B 37 11.59 2.68 -38.97
CA SER B 37 12.77 1.84 -38.87
C SER B 37 13.96 2.73 -38.77
N VAL B 38 15.10 2.18 -38.34
CA VAL B 38 16.38 2.88 -38.32
C VAL B 38 16.68 3.66 -39.61
N ARG B 39 16.51 3.00 -40.75
CA ARG B 39 16.70 3.61 -42.06
C ARG B 39 15.72 4.77 -42.32
N GLU B 40 14.45 4.61 -41.92
CA GLU B 40 13.46 5.66 -42.07
C GLU B 40 13.73 6.90 -41.21
N THR B 41 14.16 6.69 -39.96
CA THR B 41 14.52 7.78 -39.07
C THR B 41 15.83 8.48 -39.49
N ALA B 42 16.72 7.72 -40.12
CA ALA B 42 17.99 8.26 -40.56
C ALA B 42 17.73 9.21 -41.75
N LEU B 43 16.74 8.88 -42.55
CA LEU B 43 16.30 9.77 -43.63
C LEU B 43 15.51 10.98 -43.10
N GLN B 44 14.55 10.73 -42.22
CA GLN B 44 13.88 11.77 -41.43
C GLN B 44 14.85 12.82 -40.90
N GLU B 45 15.89 12.40 -40.19
CA GLU B 45 16.76 13.30 -39.47
C GLU B 45 18.03 13.64 -40.22
N LYS B 46 18.23 13.00 -41.38
CA LYS B 46 19.41 13.18 -42.26
C LYS B 46 20.70 12.88 -41.49
N ILE B 47 20.69 11.70 -40.90
CA ILE B 47 21.68 11.17 -39.95
C ILE B 47 22.12 9.86 -40.60
N ASN B 48 23.15 9.23 -40.04
CA ASN B 48 23.54 7.90 -40.51
C ASN B 48 22.70 6.82 -39.84
N PRO B 49 22.48 5.70 -40.54
CA PRO B 49 21.77 4.62 -39.91
C PRO B 49 22.48 4.10 -38.67
N ASN B 50 23.81 3.97 -38.74
CA ASN B 50 24.66 3.75 -37.57
C ASN B 50 24.27 4.53 -36.33
N THR B 51 24.15 5.84 -36.48
CA THR B 51 23.88 6.76 -35.40
C THR B 51 22.49 6.54 -34.85
N VAL B 52 21.51 6.37 -35.75
CA VAL B 52 20.16 6.06 -35.32
C VAL B 52 20.09 4.70 -34.58
N ALA B 53 20.83 3.71 -35.06
CA ALA B 53 20.85 2.41 -34.39
C ALA B 53 21.49 2.55 -33.00
N LYS B 54 22.50 3.42 -32.86
CA LYS B 54 22.98 3.80 -31.51
C LYS B 54 21.88 4.46 -30.63
N ALA B 55 21.14 5.41 -31.21
CA ALA B 55 20.07 6.10 -30.49
C ALA B 55 18.98 5.13 -30.07
N TYR B 56 18.62 4.25 -30.99
CA TYR B 56 17.57 3.26 -30.74
C TYR B 56 18.00 2.28 -29.64
N LYS B 57 19.26 1.87 -29.68
CA LYS B 57 19.80 1.00 -28.64
C LYS B 57 19.79 1.65 -27.25
N GLU B 58 20.25 2.90 -27.17
CA GLU B 58 20.21 3.66 -25.94
C GLU B 58 18.80 3.94 -25.41
N LEU B 59 17.88 4.36 -26.28
CA LEU B 59 16.49 4.60 -25.83
C LEU B 59 15.82 3.29 -25.35
N GLU B 60 16.20 2.16 -25.94
CA GLU B 60 15.68 0.87 -25.49
C GLU B 60 16.20 0.52 -24.09
N ALA B 61 17.51 0.66 -23.88
CA ALA B 61 18.12 0.49 -22.56
C ALA B 61 17.45 1.35 -21.48
N GLN B 62 17.04 2.56 -21.85
CA GLN B 62 16.35 3.50 -20.95
C GLN B 62 14.87 3.25 -20.82
N LYS B 63 14.36 2.19 -21.44
CA LYS B 63 12.93 1.81 -21.42
C LYS B 63 11.97 2.85 -22.05
N VAL B 64 12.47 3.60 -23.03
CA VAL B 64 11.67 4.63 -23.73
C VAL B 64 10.98 4.00 -24.92
N ILE B 65 11.63 2.99 -25.50
CA ILE B 65 11.10 2.27 -26.66
C ILE B 65 11.39 0.77 -26.51
N ARG B 66 10.68 -0.04 -27.28
CA ARG B 66 10.97 -1.48 -27.37
C ARG B 66 10.84 -2.02 -28.78
N THR B 67 11.77 -2.89 -29.17
CA THR B 67 11.67 -3.64 -30.43
C THR B 67 11.10 -5.06 -30.24
N ILE B 68 10.11 -5.40 -31.07
CA ILE B 68 9.51 -6.73 -31.15
C ILE B 68 9.98 -7.42 -32.44
N PRO B 69 10.99 -8.33 -32.36
CA PRO B 69 11.45 -8.94 -33.63
C PRO B 69 10.28 -9.47 -34.42
N GLY B 70 10.00 -8.84 -35.56
CA GLY B 70 8.82 -9.19 -36.35
C GLY B 70 7.83 -8.06 -36.59
N LYS B 71 7.45 -7.34 -35.52
CA LYS B 71 6.47 -6.23 -35.63
C LYS B 71 7.14 -4.85 -35.89
N GLY B 72 8.29 -4.60 -35.26
CA GLY B 72 8.98 -3.30 -35.37
C GLY B 72 9.31 -2.66 -34.03
N THR B 73 9.53 -1.34 -34.04
CA THR B 73 9.98 -0.59 -32.87
C THR B 73 8.88 0.36 -32.43
N PHE B 74 8.58 0.31 -31.14
CA PHE B 74 7.42 0.94 -30.58
C PHE B 74 7.81 1.79 -29.39
N ILE B 75 7.07 2.87 -29.20
CA ILE B 75 7.18 3.65 -27.98
C ILE B 75 6.69 2.77 -26.85
N THR B 76 7.36 2.82 -25.71
CA THR B 76 6.95 2.05 -24.53
C THR B 76 5.48 2.34 -24.11
N GLY B 77 4.83 1.37 -23.48
CA GLY B 77 3.60 1.62 -22.71
C GLY B 77 3.84 2.41 -21.43
N ASN B 78 5.06 2.29 -20.89
CA ASN B 78 5.50 2.98 -19.65
C ASN B 78 5.97 4.43 -19.89
N THR B 79 5.03 5.16 -20.44
CA THR B 79 5.19 6.53 -20.85
C THR B 79 5.21 7.52 -19.68
N ALA B 80 4.30 7.33 -18.74
CA ALA B 80 4.25 8.09 -17.45
C ALA B 80 5.59 8.16 -16.72
N SER B 81 6.35 7.10 -16.82
CA SER B 81 7.64 6.97 -16.20
C SER B 81 8.73 7.73 -16.95
N VAL B 82 8.65 7.69 -18.28
CA VAL B 82 9.48 8.56 -19.13
C VAL B 82 9.21 10.06 -18.80
N LYS B 83 7.92 10.42 -18.69
CA LYS B 83 7.51 11.78 -18.34
C LYS B 83 8.09 12.18 -16.99
N ASN B 84 8.17 11.25 -16.05
CA ASN B 84 8.57 11.60 -14.70
C ASN B 84 10.06 11.85 -14.66
N SER B 85 10.81 10.98 -15.36
CA SER B 85 12.26 11.09 -15.48
C SER B 85 12.68 12.37 -16.19
N ASN B 86 11.84 12.85 -17.10
CA ASN B 86 12.09 14.06 -17.84
C ASN B 86 11.80 15.26 -16.96
N GLN B 87 10.70 15.26 -16.21
CA GLN B 87 10.54 16.42 -15.30
C GLN B 87 11.62 16.44 -14.19
N ASN B 88 12.08 15.29 -13.75
CA ASN B 88 13.26 15.26 -12.86
C ASN B 88 14.52 15.87 -13.49
N ARG B 89 14.77 15.62 -14.79
CA ARG B 89 15.86 16.32 -15.53
C ARG B 89 15.73 17.85 -15.48
N LEU B 90 14.57 18.34 -15.86
CA LEU B 90 14.19 19.74 -15.70
C LEU B 90 14.32 20.25 -14.28
N LEU B 91 13.84 19.47 -13.32
CA LEU B 91 13.87 19.91 -11.92
C LEU B 91 15.29 20.17 -11.47
N ALA B 92 16.21 19.35 -11.97
CA ALA B 92 17.63 19.45 -11.68
C ALA B 92 18.24 20.71 -12.35
N ASP B 93 17.78 21.02 -13.56
CA ASP B 93 18.10 22.28 -14.24
C ASP B 93 17.59 23.47 -13.42
N LEU B 94 16.34 23.43 -12.97
CA LEU B 94 15.80 24.55 -12.17
C LEU B 94 16.64 24.81 -10.91
N SER B 95 16.98 23.75 -10.16
CA SER B 95 17.70 23.96 -8.92
C SER B 95 19.11 24.53 -9.18
N GLN B 96 19.71 24.15 -10.31
CA GLN B 96 20.99 24.67 -10.75
C GLN B 96 20.94 26.15 -11.08
N VAL B 97 19.87 26.57 -11.75
CA VAL B 97 19.72 27.97 -12.10
C VAL B 97 19.43 28.83 -10.86
N ILE B 98 18.66 28.30 -9.91
CA ILE B 98 18.42 29.00 -8.64
C ILE B 98 19.73 29.14 -7.80
N ALA B 99 20.57 28.10 -7.80
CA ALA B 99 21.85 28.14 -7.09
C ALA B 99 22.78 29.20 -7.71
N GLU B 100 22.78 29.27 -9.03
CA GLU B 100 23.55 30.26 -9.78
C GLU B 100 23.02 31.67 -9.60
N LEU B 101 21.71 31.83 -9.53
CA LEU B 101 21.09 33.12 -9.26
C LEU B 101 21.50 33.68 -7.88
N ILE B 102 21.51 32.85 -6.84
CA ILE B 102 21.96 33.36 -5.54
C ILE B 102 23.51 33.62 -5.49
N LYS B 103 24.31 32.79 -6.17
CA LYS B 103 25.77 33.03 -6.29
C LYS B 103 26.11 34.31 -7.08
N SER B 104 25.20 34.70 -7.98
CA SER B 104 25.31 35.95 -8.74
C SER B 104 24.88 37.17 -7.93
N GLY B 105 24.37 36.96 -6.73
CA GLY B 105 23.98 38.07 -5.85
C GLY B 105 22.51 38.42 -5.82
N VAL B 106 21.68 37.71 -6.61
CA VAL B 106 20.21 37.86 -6.56
C VAL B 106 19.72 37.13 -5.32
N LYS B 107 18.84 37.75 -4.55
CA LYS B 107 18.38 37.20 -3.28
C LYS B 107 17.16 36.29 -3.45
N GLY B 108 16.79 35.61 -2.37
CA GLY B 108 15.69 34.65 -2.40
C GLY B 108 14.32 35.29 -2.49
N GLU B 109 14.15 36.43 -1.83
CA GLU B 109 12.97 37.27 -1.96
C GLU B 109 12.68 37.54 -3.43
N ARG B 110 13.72 38.00 -4.12
CA ARG B 110 13.61 38.45 -5.50
C ARG B 110 13.35 37.28 -6.40
N ILE B 111 14.11 36.20 -6.22
CA ILE B 111 13.91 35.00 -7.04
C ILE B 111 12.43 34.55 -7.02
N LYS B 112 11.79 34.64 -5.87
CA LYS B 112 10.36 34.29 -5.75
C LYS B 112 9.49 35.19 -6.61
N LYS B 113 9.68 36.51 -6.46
CA LYS B 113 8.89 37.49 -7.20
C LYS B 113 9.06 37.33 -8.70
N ILE B 114 10.32 37.20 -9.13
CA ILE B 114 10.62 36.95 -10.53
C ILE B 114 9.87 35.70 -11.04
N VAL B 115 9.79 34.67 -10.20
CA VAL B 115 9.09 33.43 -10.54
C VAL B 115 7.57 33.62 -10.49
N ASN B 116 7.10 34.39 -9.52
CA ASN B 116 5.71 34.83 -9.48
C ASN B 116 5.27 35.45 -10.79
N ASP B 117 6.13 36.30 -11.35
CA ASP B 117 5.77 37.07 -12.53
C ASP B 117 5.94 36.26 -13.79
N ILE B 118 6.97 35.42 -13.84
CA ILE B 118 7.11 34.51 -14.98
C ILE B 118 5.81 33.68 -15.07
N LEU B 119 5.39 33.14 -13.91
CA LEU B 119 4.16 32.33 -13.80
C LEU B 119 2.86 33.15 -13.93
N GLY B 120 2.85 34.36 -13.36
CA GLY B 120 1.66 35.21 -13.35
C GLY B 120 1.35 35.80 -14.70
N PHE C 1 -18.04 -39.03 19.36
CA PHE C 1 -18.80 -39.70 20.47
C PHE C 1 -19.35 -41.09 19.97
N GLN C 2 -20.59 -41.45 20.37
CA GLN C 2 -21.34 -42.54 19.70
C GLN C 2 -22.76 -42.05 19.28
N ALA C 3 -23.49 -41.29 20.15
CA ALA C 3 -24.73 -40.64 19.79
C ALA C 3 -24.53 -39.71 18.59
N MET C 4 -25.42 -39.73 17.60
CA MET C 4 -25.17 -39.04 16.31
C MET C 4 -25.14 -37.50 16.45
N ALA C 5 -24.19 -36.86 15.77
CA ALA C 5 -24.08 -35.41 15.76
C ALA C 5 -25.32 -34.86 15.10
N ILE C 6 -25.92 -33.85 15.70
CA ILE C 6 -27.03 -33.13 15.08
C ILE C 6 -26.45 -31.84 14.52
N THR C 7 -26.74 -31.57 13.25
CA THR C 7 -26.26 -30.36 12.62
C THR C 7 -27.25 -29.24 12.99
N GLN C 8 -26.71 -28.20 13.58
CA GLN C 8 -27.50 -27.07 14.01
C GLN C 8 -27.75 -26.15 12.82
N LYS C 9 -28.63 -25.18 13.01
CA LYS C 9 -28.90 -24.15 12.03
C LYS C 9 -27.61 -23.38 11.76
N ARG C 10 -27.40 -22.98 10.51
CA ARG C 10 -26.27 -22.12 10.20
C ARG C 10 -26.50 -20.81 10.95
N PRO C 11 -25.50 -20.36 11.72
CA PRO C 11 -25.76 -19.11 12.45
C PRO C 11 -26.22 -17.97 11.55
N VAL C 12 -27.14 -17.14 12.05
CA VAL C 12 -27.78 -16.10 11.24
C VAL C 12 -26.76 -15.11 10.66
N TYR C 13 -25.72 -14.76 11.41
CA TYR C 13 -24.68 -13.83 10.91
C TYR C 13 -23.92 -14.38 9.69
N LEU C 14 -23.65 -15.69 9.67
CA LEU C 14 -23.04 -16.35 8.52
C LEU C 14 -24.02 -16.47 7.35
N GLN C 15 -25.30 -16.65 7.62
CA GLN C 15 -26.29 -16.62 6.57
C GLN C 15 -26.33 -15.24 5.90
N LEU C 16 -26.16 -14.19 6.70
CA LEU C 16 -26.02 -12.82 6.19
C LEU C 16 -24.73 -12.62 5.40
N VAL C 17 -23.62 -13.12 5.94
CA VAL C 17 -22.34 -13.13 5.22
C VAL C 17 -22.54 -13.80 3.86
N ASP C 18 -23.15 -15.00 3.87
CA ASP C 18 -23.41 -15.77 2.66
C ASP C 18 -24.20 -14.91 1.66
N ARG C 19 -25.25 -14.28 2.16
CA ARG C 19 -26.18 -13.59 1.26
C ARG C 19 -25.46 -12.45 0.57
N ILE C 20 -24.74 -11.62 1.34
CA ILE C 20 -24.00 -10.51 0.74
C ILE C 20 -22.92 -11.02 -0.25
N LYS C 21 -22.08 -11.95 0.14
CA LYS C 21 -21.11 -12.54 -0.80
C LYS C 21 -21.76 -13.05 -2.11
N ASN C 22 -22.87 -13.75 -2.00
CA ASN C 22 -23.57 -14.24 -3.18
C ASN C 22 -24.13 -13.15 -4.09
N GLU C 23 -24.65 -12.08 -3.48
CA GLU C 23 -25.13 -10.91 -4.22
C GLU C 23 -23.98 -10.23 -4.95
N VAL C 24 -22.78 -10.28 -4.37
CA VAL C 24 -21.59 -9.72 -5.01
C VAL C 24 -21.17 -10.59 -6.18
N ALA C 25 -21.09 -11.89 -5.91
CA ALA C 25 -20.67 -12.89 -6.90
C ALA C 25 -21.56 -12.96 -8.14
N THR C 26 -22.82 -12.58 -7.96
CA THR C 26 -23.83 -12.63 -9.01
C THR C 26 -24.24 -11.21 -9.44
N ASP C 27 -23.50 -10.22 -8.99
CA ASP C 27 -23.70 -8.88 -9.48
C ASP C 27 -25.06 -8.27 -9.11
N VAL C 28 -25.70 -8.81 -8.08
CA VAL C 28 -26.80 -8.08 -7.45
C VAL C 28 -26.23 -6.85 -6.76
N LEU C 29 -25.07 -7.00 -6.14
CA LEU C 29 -24.34 -5.87 -5.58
C LEU C 29 -23.08 -5.68 -6.40
N SER C 30 -22.68 -4.43 -6.64
CA SER C 30 -21.50 -4.16 -7.43
C SER C 30 -20.39 -3.55 -6.62
N ALA C 31 -19.17 -3.69 -7.13
CA ALA C 31 -18.00 -2.98 -6.58
C ALA C 31 -18.40 -1.56 -6.14
N ASN C 32 -18.09 -1.23 -4.90
CA ASN C 32 -18.32 0.11 -4.36
C ASN C 32 -19.79 0.51 -4.11
N ASP C 33 -20.74 -0.41 -4.22
CA ASP C 33 -22.13 -0.11 -3.80
C ASP C 33 -22.15 0.10 -2.31
N GLN C 34 -22.89 1.12 -1.88
CA GLN C 34 -23.09 1.39 -0.47
C GLN C 34 -24.10 0.40 0.11
N LEU C 35 -23.70 -0.25 1.20
CA LEU C 35 -24.57 -1.09 1.98
C LEU C 35 -25.29 -0.20 2.98
N PRO C 36 -26.41 -0.69 3.53
CA PRO C 36 -27.00 0.03 4.62
C PRO C 36 -26.16 -0.11 5.88
N SER C 37 -26.40 0.78 6.82
CA SER C 37 -25.84 0.69 8.15
C SER C 37 -26.27 -0.61 8.85
N VAL C 38 -25.57 -0.90 9.95
CA VAL C 38 -25.86 -2.07 10.75
C VAL C 38 -27.32 -1.97 11.20
N ARG C 39 -27.69 -0.83 11.80
CA ARG C 39 -29.07 -0.52 12.18
C ARG C 39 -30.05 -0.75 11.03
N GLU C 40 -29.84 -0.12 9.89
CA GLU C 40 -30.79 -0.28 8.78
C GLU C 40 -30.93 -1.69 8.28
N THR C 41 -29.81 -2.42 8.31
CA THR C 41 -29.82 -3.82 7.86
C THR C 41 -30.61 -4.65 8.85
N ALA C 42 -30.33 -4.49 10.15
CA ALA C 42 -31.10 -5.20 11.17
C ALA C 42 -32.60 -4.94 10.97
N LEU C 43 -32.95 -3.66 10.74
CA LEU C 43 -34.34 -3.28 10.53
C LEU C 43 -34.97 -3.97 9.33
N GLN C 44 -34.35 -3.80 8.15
CA GLN C 44 -34.86 -4.38 6.88
C GLN C 44 -34.92 -5.91 6.85
N GLU C 45 -33.89 -6.54 7.41
CA GLU C 45 -33.80 -7.99 7.40
C GLU C 45 -34.39 -8.58 8.65
N LYS C 46 -34.76 -7.76 9.63
CA LYS C 46 -35.28 -8.26 10.92
C LYS C 46 -34.29 -9.19 11.65
N ILE C 47 -33.12 -8.67 11.94
CA ILE C 47 -32.02 -9.41 12.54
C ILE C 47 -31.50 -8.55 13.69
N ASN C 48 -31.15 -9.18 14.80
CA ASN C 48 -30.43 -8.51 15.90
C ASN C 48 -29.31 -7.62 15.35
N PRO C 49 -29.24 -6.34 15.78
CA PRO C 49 -28.14 -5.53 15.29
C PRO C 49 -26.75 -6.10 15.62
N ASN C 50 -26.64 -6.85 16.72
CA ASN C 50 -25.36 -7.45 17.10
C ASN C 50 -24.94 -8.53 16.11
N THR C 51 -25.93 -9.28 15.62
CA THR C 51 -25.73 -10.28 14.59
C THR C 51 -25.27 -9.61 13.30
N VAL C 52 -25.94 -8.52 12.94
CA VAL C 52 -25.56 -7.76 11.75
C VAL C 52 -24.13 -7.24 11.85
N ALA C 53 -23.72 -6.74 13.02
CA ALA C 53 -22.33 -6.25 13.25
C ALA C 53 -21.28 -7.36 13.13
N LYS C 54 -21.64 -8.53 13.63
CA LYS C 54 -20.87 -9.78 13.45
C LYS C 54 -20.72 -10.16 11.96
N ALA C 55 -21.82 -10.10 11.22
CA ALA C 55 -21.77 -10.34 9.78
C ALA C 55 -20.81 -9.35 9.11
N TYR C 56 -21.07 -8.07 9.30
CA TYR C 56 -20.28 -7.01 8.69
C TYR C 56 -18.78 -7.12 9.01
N LYS C 57 -18.48 -7.38 10.27
CA LYS C 57 -17.11 -7.60 10.70
C LYS C 57 -16.44 -8.76 9.95
N GLU C 58 -17.10 -9.91 9.86
CA GLU C 58 -16.61 -11.06 9.09
C GLU C 58 -16.48 -10.71 7.60
N LEU C 59 -17.50 -10.03 7.05
CA LEU C 59 -17.44 -9.61 5.64
C LEU C 59 -16.23 -8.73 5.35
N GLU C 60 -15.89 -7.85 6.30
CA GLU C 60 -14.76 -6.97 6.14
C GLU C 60 -13.44 -7.75 6.30
N ALA C 61 -13.36 -8.67 7.26
CA ALA C 61 -12.23 -9.59 7.37
C ALA C 61 -11.97 -10.30 6.03
N GLN C 62 -13.03 -10.75 5.36
CA GLN C 62 -12.87 -11.40 4.07
C GLN C 62 -12.66 -10.43 2.91
N LYS C 63 -12.66 -9.13 3.18
CA LYS C 63 -12.48 -8.07 2.15
C LYS C 63 -13.63 -7.99 1.13
N VAL C 64 -14.82 -8.40 1.56
CA VAL C 64 -16.00 -8.28 0.74
C VAL C 64 -16.57 -6.85 0.86
N ILE C 65 -16.41 -6.27 2.04
CA ILE C 65 -16.92 -4.93 2.32
C ILE C 65 -15.87 -4.13 3.06
N ARG C 66 -16.07 -2.82 3.11
CA ARG C 66 -15.17 -1.88 3.78
C ARG C 66 -15.93 -0.72 4.44
N THR C 67 -15.51 -0.31 5.63
CA THR C 67 -16.05 0.91 6.25
C THR C 67 -15.10 2.07 6.04
N ILE C 68 -15.67 3.18 5.60
CA ILE C 68 -14.93 4.38 5.29
C ILE C 68 -15.28 5.45 6.33
N PRO C 69 -14.30 5.94 7.13
CA PRO C 69 -14.59 6.93 8.17
C PRO C 69 -15.57 8.02 7.74
N GLY C 70 -16.73 8.08 8.41
CA GLY C 70 -17.75 9.12 8.15
C GLY C 70 -18.43 9.08 6.79
N LYS C 71 -18.17 8.04 6.01
CA LYS C 71 -18.81 7.89 4.70
C LYS C 71 -19.75 6.71 4.71
N GLY C 72 -19.41 5.66 5.46
CA GLY C 72 -20.28 4.48 5.56
C GLY C 72 -19.63 3.19 5.12
N THR C 73 -20.46 2.18 4.88
CA THR C 73 -20.07 0.82 4.50
C THR C 73 -20.41 0.56 3.03
N PHE C 74 -19.49 -0.13 2.35
CA PHE C 74 -19.47 -0.21 0.89
C PHE C 74 -19.00 -1.58 0.49
N ILE C 75 -19.48 -2.06 -0.65
CA ILE C 75 -18.89 -3.24 -1.27
C ILE C 75 -17.45 -2.87 -1.68
N THR C 76 -16.52 -3.80 -1.46
CA THR C 76 -15.13 -3.65 -1.87
C THR C 76 -15.03 -3.29 -3.34
N GLY C 77 -13.89 -2.73 -3.72
CA GLY C 77 -13.60 -2.45 -5.11
C GLY C 77 -13.07 -3.68 -5.81
N ASN C 78 -12.52 -4.61 -5.03
CA ASN C 78 -12.00 -5.87 -5.54
C ASN C 78 -13.00 -6.98 -5.44
N THR C 79 -14.03 -6.78 -6.25
CA THR C 79 -15.04 -7.70 -6.59
C THR C 79 -14.52 -8.97 -7.33
N ALA C 80 -13.52 -8.81 -8.19
CA ALA C 80 -12.94 -9.93 -8.93
C ALA C 80 -12.40 -10.92 -7.96
N SER C 81 -11.76 -10.44 -6.90
CA SER C 81 -11.24 -11.35 -5.91
C SER C 81 -12.37 -12.19 -5.24
N VAL C 82 -13.51 -11.53 -4.95
CA VAL C 82 -14.66 -12.18 -4.28
C VAL C 82 -15.26 -13.28 -5.17
N LYS C 83 -15.41 -12.96 -6.46
CA LYS C 83 -15.85 -13.92 -7.47
C LYS C 83 -14.90 -15.10 -7.65
N ASN C 84 -13.59 -14.86 -7.64
CA ASN C 84 -12.63 -16.00 -7.72
C ASN C 84 -12.71 -16.93 -6.52
N SER C 85 -12.83 -16.39 -5.31
CA SER C 85 -13.02 -17.22 -4.10
C SER C 85 -14.34 -18.01 -4.12
N ASN C 86 -15.40 -17.41 -4.63
CA ASN C 86 -16.66 -18.08 -4.75
C ASN C 86 -16.60 -19.19 -5.76
N GLN C 87 -15.89 -18.93 -6.85
CA GLN C 87 -15.67 -19.94 -7.85
C GLN C 87 -14.84 -21.06 -7.26
N ASN C 88 -13.92 -20.73 -6.38
CA ASN C 88 -13.15 -21.76 -5.65
C ASN C 88 -13.95 -22.63 -4.71
N ARG C 89 -14.99 -22.06 -4.12
CA ARG C 89 -15.94 -22.82 -3.29
C ARG C 89 -16.68 -23.85 -4.15
N LEU C 90 -17.18 -23.41 -5.31
CA LEU C 90 -17.80 -24.26 -6.32
C LEU C 90 -16.90 -25.37 -6.80
N LEU C 91 -15.66 -25.08 -7.03
CA LEU C 91 -14.71 -26.07 -7.51
C LEU C 91 -14.47 -27.16 -6.48
N ALA C 92 -14.55 -26.75 -5.23
CA ALA C 92 -14.36 -27.66 -4.11
C ALA C 92 -15.56 -28.61 -4.01
N ASP C 93 -16.76 -28.04 -4.16
CA ASP C 93 -17.99 -28.81 -4.27
C ASP C 93 -17.98 -29.74 -5.46
N LEU C 94 -17.51 -29.27 -6.61
CA LEU C 94 -17.41 -30.16 -7.75
C LEU C 94 -16.51 -31.37 -7.47
N SER C 95 -15.34 -31.13 -6.90
CA SER C 95 -14.38 -32.16 -6.55
C SER C 95 -14.98 -33.10 -5.50
N GLN C 96 -15.78 -32.56 -4.58
CA GLN C 96 -16.45 -33.38 -3.55
C GLN C 96 -17.55 -34.37 -4.09
N VAL C 97 -18.41 -33.88 -4.99
CA VAL C 97 -19.45 -34.71 -5.58
C VAL C 97 -18.86 -35.77 -6.50
N ILE C 98 -17.80 -35.41 -7.21
CA ILE C 98 -17.06 -36.36 -8.01
C ILE C 98 -16.49 -37.49 -7.12
N ALA C 99 -15.71 -37.13 -6.10
CA ALA C 99 -15.24 -38.11 -5.09
C ALA C 99 -16.39 -39.00 -4.59
N GLU C 100 -17.50 -38.37 -4.25
CA GLU C 100 -18.62 -39.11 -3.69
C GLU C 100 -19.33 -40.02 -4.71
N LEU C 101 -19.32 -39.65 -5.99
CA LEU C 101 -19.82 -40.52 -7.04
C LEU C 101 -18.87 -41.69 -7.36
N ILE C 102 -17.55 -41.50 -7.30
CA ILE C 102 -16.67 -42.64 -7.53
C ILE C 102 -16.80 -43.66 -6.37
N LYS C 103 -16.89 -43.15 -5.15
CA LYS C 103 -17.19 -43.94 -3.96
C LYS C 103 -18.55 -44.69 -4.16
N SER C 104 -19.52 -44.03 -4.78
CA SER C 104 -20.83 -44.66 -5.06
C SER C 104 -20.80 -45.71 -6.20
N GLY C 105 -19.66 -45.83 -6.88
CA GLY C 105 -19.46 -46.89 -7.88
C GLY C 105 -19.48 -46.42 -9.32
N VAL C 106 -19.57 -45.11 -9.54
CA VAL C 106 -19.41 -44.56 -10.90
C VAL C 106 -17.91 -44.47 -11.20
N LYS C 107 -17.48 -45.13 -12.26
CA LYS C 107 -16.08 -45.05 -12.70
C LYS C 107 -15.80 -43.68 -13.34
N GLY C 108 -14.60 -43.16 -13.17
CA GLY C 108 -14.25 -41.82 -13.64
C GLY C 108 -14.51 -41.65 -15.12
N GLU C 109 -14.21 -42.69 -15.86
CA GLU C 109 -14.47 -42.74 -17.30
C GLU C 109 -15.96 -42.49 -17.60
N ARG C 110 -16.83 -42.99 -16.73
CA ARG C 110 -18.29 -42.72 -16.80
C ARG C 110 -18.69 -41.31 -16.30
N ILE C 111 -18.11 -40.87 -15.18
CA ILE C 111 -18.24 -39.45 -14.78
C ILE C 111 -17.88 -38.51 -15.93
N LYS C 112 -16.82 -38.80 -16.68
CA LYS C 112 -16.48 -37.96 -17.84
C LYS C 112 -17.61 -37.86 -18.87
N LYS C 113 -18.21 -38.99 -19.27
CA LYS C 113 -19.36 -38.94 -20.23
C LYS C 113 -20.59 -38.26 -19.63
N ILE C 114 -20.87 -38.53 -18.35
CA ILE C 114 -22.01 -37.88 -17.70
C ILE C 114 -21.84 -36.36 -17.80
N VAL C 115 -20.67 -35.85 -17.43
CA VAL C 115 -20.41 -34.42 -17.48
C VAL C 115 -20.61 -33.85 -18.90
N ASN C 116 -20.03 -34.52 -19.88
CA ASN C 116 -20.29 -34.23 -21.28
C ASN C 116 -21.77 -34.14 -21.65
N ASP C 117 -22.54 -35.16 -21.24
CA ASP C 117 -23.98 -35.16 -21.50
C ASP C 117 -24.65 -33.96 -20.83
N ILE C 118 -24.36 -33.75 -19.55
CA ILE C 118 -24.88 -32.59 -18.82
C ILE C 118 -24.53 -31.26 -19.48
N LEU C 119 -23.27 -31.14 -19.91
CA LEU C 119 -22.79 -29.92 -20.58
C LEU C 119 -23.45 -29.70 -21.96
N GLY C 120 -23.81 -30.78 -22.65
CA GLY C 120 -24.31 -30.72 -24.02
C GLY C 120 -25.69 -30.09 -24.18
N GLN D 2 8.29 1.19 18.77
CA GLN D 2 8.01 2.03 17.56
C GLN D 2 9.16 2.02 16.54
N ALA D 3 10.30 1.36 16.87
CA ALA D 3 11.31 1.02 15.88
C ALA D 3 10.67 0.49 14.59
N MET D 4 11.12 0.93 13.44
CA MET D 4 10.65 0.34 12.16
C MET D 4 10.78 -1.19 12.14
N ALA D 5 9.81 -1.84 11.48
CA ALA D 5 9.85 -3.27 11.21
C ALA D 5 10.97 -3.53 10.21
N ILE D 6 11.77 -4.56 10.49
CA ILE D 6 12.82 -5.04 9.57
C ILE D 6 12.36 -6.34 8.88
N THR D 7 12.34 -6.34 7.55
CA THR D 7 11.90 -7.50 6.78
C THR D 7 13.07 -8.47 6.60
N GLN D 8 12.90 -9.71 7.03
CA GLN D 8 13.98 -10.71 6.91
C GLN D 8 13.98 -11.37 5.53
N LYS D 9 14.94 -12.25 5.29
CA LYS D 9 14.95 -13.08 4.09
C LYS D 9 13.66 -13.87 4.09
N ARG D 10 13.02 -14.02 2.92
CA ARG D 10 11.96 -15.04 2.84
C ARG D 10 12.66 -16.42 2.92
N PRO D 11 12.31 -17.25 3.94
CA PRO D 11 12.87 -18.58 4.06
C PRO D 11 12.90 -19.33 2.73
N VAL D 12 13.97 -20.09 2.48
CA VAL D 12 14.14 -20.70 1.19
C VAL D 12 12.98 -21.67 0.86
N TYR D 13 12.49 -22.36 1.89
CA TYR D 13 11.42 -23.37 1.68
C TYR D 13 10.16 -22.71 1.12
N LEU D 14 9.87 -21.47 1.53
CA LEU D 14 8.72 -20.72 1.03
C LEU D 14 9.00 -20.08 -0.31
N GLN D 15 10.25 -19.75 -0.61
CA GLN D 15 10.55 -19.32 -1.96
C GLN D 15 10.33 -20.47 -2.96
N LEU D 16 10.61 -21.69 -2.53
CA LEU D 16 10.38 -22.85 -3.39
C LEU D 16 8.90 -23.21 -3.47
N VAL D 17 8.18 -23.12 -2.35
CA VAL D 17 6.72 -23.21 -2.35
C VAL D 17 6.17 -22.22 -3.37
N ASP D 18 6.67 -20.98 -3.35
CA ASP D 18 6.17 -19.94 -4.26
C ASP D 18 6.46 -20.33 -5.68
N ARG D 19 7.67 -20.87 -5.89
CA ARG D 19 8.11 -21.14 -7.26
C ARG D 19 7.22 -22.21 -7.86
N ILE D 20 6.98 -23.26 -7.10
CA ILE D 20 6.17 -24.38 -7.61
C ILE D 20 4.71 -24.01 -7.87
N LYS D 21 4.10 -23.22 -6.97
CA LYS D 21 2.71 -22.79 -7.19
C LYS D 21 2.58 -21.92 -8.43
N ASN D 22 3.60 -21.14 -8.73
CA ASN D 22 3.52 -20.31 -9.92
C ASN D 22 3.61 -21.14 -11.20
N GLU D 23 4.44 -22.19 -11.17
CA GLU D 23 4.55 -23.12 -12.29
C GLU D 23 3.23 -23.82 -12.54
N VAL D 24 2.57 -24.19 -11.44
CA VAL D 24 1.24 -24.75 -11.51
C VAL D 24 0.32 -23.68 -12.08
N ALA D 25 0.27 -22.52 -11.41
CA ALA D 25 -0.58 -21.43 -11.85
C ALA D 25 -0.41 -21.18 -13.35
N THR D 26 0.81 -21.23 -13.88
CA THR D 26 1.06 -20.88 -15.28
C THR D 26 1.16 -22.10 -16.24
N ASP D 27 0.74 -23.28 -15.78
CA ASP D 27 0.72 -24.51 -16.60
C ASP D 27 2.13 -25.04 -16.98
N VAL D 28 3.17 -24.60 -16.28
CA VAL D 28 4.49 -25.21 -16.45
C VAL D 28 4.46 -26.62 -15.87
N LEU D 29 3.78 -26.75 -14.75
CA LEU D 29 3.45 -28.05 -14.15
C LEU D 29 1.96 -28.15 -14.29
N SER D 30 1.48 -29.30 -14.78
CA SER D 30 0.06 -29.55 -15.05
C SER D 30 -0.56 -30.45 -13.99
N ALA D 31 -1.88 -30.42 -13.92
CA ALA D 31 -2.64 -31.29 -13.01
C ALA D 31 -2.09 -32.71 -13.06
N ASN D 32 -1.88 -33.28 -11.88
CA ASN D 32 -1.46 -34.68 -11.72
C ASN D 32 -0.02 -35.02 -12.19
N ASP D 33 0.73 -34.03 -12.67
CA ASP D 33 2.11 -34.22 -13.07
C ASP D 33 2.87 -34.75 -11.87
N GLN D 34 3.71 -35.76 -12.10
CA GLN D 34 4.56 -36.24 -11.06
C GLN D 34 5.71 -35.26 -10.80
N LEU D 35 5.99 -35.03 -9.53
CA LEU D 35 7.05 -34.13 -9.10
C LEU D 35 8.26 -35.00 -8.83
N PRO D 36 9.49 -34.48 -9.11
CA PRO D 36 10.72 -35.16 -8.68
C PRO D 36 10.74 -35.48 -7.20
N SER D 37 11.61 -36.40 -6.78
CA SER D 37 11.83 -36.64 -5.36
C SER D 37 12.45 -35.41 -4.69
N VAL D 38 12.38 -35.38 -3.36
CA VAL D 38 13.00 -34.36 -2.57
C VAL D 38 14.48 -34.19 -2.97
N ARG D 39 15.13 -35.32 -3.18
CA ARG D 39 16.53 -35.37 -3.58
C ARG D 39 16.76 -34.79 -4.98
N GLU D 40 15.89 -35.10 -5.92
CA GLU D 40 15.99 -34.53 -7.26
C GLU D 40 15.64 -33.05 -7.34
N THR D 41 14.70 -32.61 -6.52
CA THR D 41 14.42 -31.18 -6.46
C THR D 41 15.60 -30.42 -5.78
N ALA D 42 16.13 -30.97 -4.69
CA ALA D 42 17.30 -30.44 -4.04
C ALA D 42 18.50 -30.27 -5.01
N LEU D 43 18.68 -31.20 -5.95
CA LEU D 43 19.69 -31.09 -6.99
C LEU D 43 19.34 -30.14 -8.13
N GLN D 44 18.07 -30.07 -8.51
CA GLN D 44 17.62 -29.06 -9.48
C GLN D 44 17.79 -27.64 -8.93
N GLU D 45 17.37 -27.38 -7.70
CA GLU D 45 17.35 -26.01 -7.16
C GLU D 45 18.56 -25.68 -6.27
N LYS D 46 19.45 -26.64 -6.10
CA LYS D 46 20.67 -26.49 -5.31
C LYS D 46 20.38 -26.07 -3.86
N ILE D 47 19.39 -26.74 -3.27
CA ILE D 47 18.94 -26.49 -1.90
C ILE D 47 19.20 -27.73 -1.04
N ASN D 48 19.27 -27.52 0.26
CA ASN D 48 19.30 -28.58 1.25
C ASN D 48 18.05 -29.50 1.04
N PRO D 49 18.24 -30.82 0.94
CA PRO D 49 17.10 -31.72 0.91
C PRO D 49 16.02 -31.46 1.99
N ASN D 50 16.41 -31.17 3.23
CA ASN D 50 15.48 -30.86 4.32
C ASN D 50 14.58 -29.67 4.02
N THR D 51 15.18 -28.67 3.40
CA THR D 51 14.49 -27.45 3.01
C THR D 51 13.43 -27.80 1.97
N VAL D 52 13.82 -28.59 0.98
CA VAL D 52 12.88 -29.05 -0.04
C VAL D 52 11.75 -29.89 0.60
N ALA D 53 12.10 -30.73 1.57
CA ALA D 53 11.11 -31.47 2.33
C ALA D 53 10.13 -30.54 3.05
N LYS D 54 10.59 -29.43 3.61
CA LYS D 54 9.66 -28.47 4.23
C LYS D 54 8.77 -27.81 3.16
N ALA D 55 9.32 -27.56 1.99
CA ALA D 55 8.55 -26.96 0.92
C ALA D 55 7.43 -27.90 0.45
N TYR D 56 7.77 -29.17 0.26
CA TYR D 56 6.80 -30.19 -0.16
C TYR D 56 5.67 -30.33 0.84
N LYS D 57 6.04 -30.38 2.11
CA LYS D 57 5.10 -30.47 3.21
C LYS D 57 4.08 -29.30 3.23
N GLU D 58 4.56 -28.09 2.94
CA GLU D 58 3.71 -26.88 2.88
C GLU D 58 2.87 -26.81 1.59
N LEU D 59 3.46 -27.13 0.45
CA LEU D 59 2.70 -27.25 -0.79
C LEU D 59 1.52 -28.23 -0.56
N GLU D 60 1.75 -29.28 0.21
CA GLU D 60 0.70 -30.26 0.45
C GLU D 60 -0.44 -29.72 1.36
N ALA D 61 -0.06 -29.00 2.43
CA ALA D 61 -1.00 -28.27 3.31
C ALA D 61 -1.88 -27.29 2.54
N GLN D 62 -1.33 -26.67 1.50
CA GLN D 62 -2.09 -25.75 0.65
C GLN D 62 -2.80 -26.47 -0.48
N LYS D 63 -2.81 -27.80 -0.41
CA LYS D 63 -3.41 -28.67 -1.44
C LYS D 63 -2.91 -28.40 -2.87
N VAL D 64 -1.65 -27.99 -3.01
CA VAL D 64 -1.06 -27.75 -4.34
C VAL D 64 -0.46 -29.04 -4.89
N ILE D 65 0.01 -29.91 -3.99
CA ILE D 65 0.55 -31.21 -4.37
C ILE D 65 0.08 -32.24 -3.34
N ARG D 66 0.14 -33.51 -3.74
CA ARG D 66 -0.40 -34.67 -3.02
C ARG D 66 0.69 -35.76 -3.03
N THR D 67 1.03 -36.30 -1.87
CA THR D 67 1.99 -37.41 -1.78
C THR D 67 1.26 -38.73 -1.54
N ILE D 68 1.12 -39.54 -2.59
CA ILE D 68 0.34 -40.77 -2.53
C ILE D 68 1.27 -42.00 -2.31
N PRO D 69 1.24 -42.60 -1.08
CA PRO D 69 2.32 -43.50 -0.58
C PRO D 69 2.77 -44.59 -1.52
N GLY D 70 4.08 -44.81 -1.58
CA GLY D 70 4.67 -45.83 -2.46
C GLY D 70 4.71 -45.51 -3.96
N LYS D 71 4.00 -44.44 -4.38
CA LYS D 71 3.85 -44.08 -5.80
C LYS D 71 4.62 -42.78 -6.16
N GLY D 72 4.41 -41.72 -5.39
CA GLY D 72 5.10 -40.47 -5.66
C GLY D 72 4.42 -39.26 -5.06
N THR D 73 4.90 -38.08 -5.49
CA THR D 73 4.34 -36.78 -5.16
C THR D 73 3.93 -36.19 -6.49
N PHE D 74 2.72 -35.64 -6.49
CA PHE D 74 2.05 -35.25 -7.73
C PHE D 74 1.43 -33.91 -7.52
N ILE D 75 1.42 -33.09 -8.57
CA ILE D 75 0.60 -31.89 -8.59
C ILE D 75 -0.87 -32.29 -8.38
N THR D 76 -1.60 -31.51 -7.57
CA THR D 76 -3.04 -31.67 -7.37
C THR D 76 -3.81 -31.82 -8.72
N GLY D 77 -4.95 -32.48 -8.67
CA GLY D 77 -5.93 -32.41 -9.74
C GLY D 77 -6.70 -31.11 -9.72
N ASN D 78 -6.64 -30.41 -8.60
CA ASN D 78 -7.35 -29.13 -8.38
C ASN D 78 -6.58 -27.88 -8.77
N THR D 79 -6.06 -27.87 -9.99
CA THR D 79 -5.21 -26.76 -10.41
C THR D 79 -5.98 -25.46 -10.73
N ALA D 80 -7.25 -25.57 -11.14
CA ALA D 80 -8.08 -24.36 -11.40
C ALA D 80 -8.26 -23.58 -10.09
N SER D 81 -8.33 -24.29 -8.96
CA SER D 81 -8.37 -23.67 -7.63
C SER D 81 -7.13 -22.82 -7.35
N VAL D 82 -5.99 -23.45 -7.53
CA VAL D 82 -4.69 -22.83 -7.46
C VAL D 82 -4.52 -21.62 -8.40
N LYS D 83 -5.01 -21.73 -9.63
CA LYS D 83 -4.94 -20.62 -10.60
C LYS D 83 -5.73 -19.46 -10.07
N ASN D 84 -6.91 -19.75 -9.54
CA ASN D 84 -7.77 -18.70 -8.94
C ASN D 84 -7.18 -17.98 -7.71
N SER D 85 -6.53 -18.70 -6.79
CA SER D 85 -5.89 -18.07 -5.65
C SER D 85 -4.67 -17.32 -6.11
N ASN D 86 -3.88 -17.90 -7.02
CA ASN D 86 -2.74 -17.13 -7.55
C ASN D 86 -3.20 -15.79 -8.14
N GLN D 87 -4.29 -15.80 -8.89
CA GLN D 87 -4.85 -14.54 -9.43
C GLN D 87 -5.25 -13.58 -8.31
N ASN D 88 -5.80 -14.13 -7.25
CA ASN D 88 -6.23 -13.28 -6.14
C ASN D 88 -5.09 -12.58 -5.46
N ARG D 89 -3.96 -13.27 -5.37
CA ARG D 89 -2.72 -12.73 -4.85
C ARG D 89 -2.25 -11.55 -5.67
N LEU D 90 -2.18 -11.74 -6.97
CA LEU D 90 -1.83 -10.68 -7.92
C LEU D 90 -2.86 -9.52 -7.91
N LEU D 91 -4.12 -9.86 -7.71
CA LEU D 91 -5.15 -8.85 -7.63
C LEU D 91 -5.00 -8.05 -6.35
N ALA D 92 -4.56 -8.70 -5.25
CA ALA D 92 -4.29 -7.98 -4.00
C ALA D 92 -3.07 -7.04 -4.19
N ASP D 93 -2.01 -7.57 -4.78
CA ASP D 93 -0.87 -6.76 -5.18
C ASP D 93 -1.35 -5.59 -6.07
N LEU D 94 -2.26 -5.86 -7.00
CA LEU D 94 -2.75 -4.79 -7.89
C LEU D 94 -3.43 -3.64 -7.15
N SER D 95 -4.37 -3.92 -6.24
CA SER D 95 -5.02 -2.81 -5.47
C SER D 95 -4.07 -2.14 -4.48
N GLN D 96 -3.06 -2.88 -4.04
CA GLN D 96 -2.00 -2.39 -3.14
C GLN D 96 -1.21 -1.31 -3.90
N VAL D 97 -0.67 -1.65 -5.08
CA VAL D 97 0.08 -0.64 -5.88
C VAL D 97 -0.79 0.58 -6.26
N ILE D 98 -2.02 0.37 -6.68
CA ILE D 98 -2.93 1.49 -7.01
C ILE D 98 -3.25 2.35 -5.77
N ALA D 99 -3.43 1.68 -4.62
CA ALA D 99 -3.64 2.37 -3.35
C ALA D 99 -2.47 3.31 -3.05
N GLU D 100 -1.27 2.77 -3.12
CA GLU D 100 -0.05 3.51 -2.90
C GLU D 100 0.23 4.65 -3.92
N LEU D 101 -0.04 4.44 -5.20
CA LEU D 101 -0.04 5.53 -6.19
C LEU D 101 -1.04 6.63 -5.87
N ILE D 102 -2.21 6.29 -5.36
CA ILE D 102 -3.17 7.34 -5.06
C ILE D 102 -2.66 8.16 -3.88
N LYS D 103 -1.95 7.50 -2.97
CA LYS D 103 -1.44 8.12 -1.75
C LYS D 103 -0.14 8.93 -2.02
N SER D 104 0.59 8.54 -3.07
CA SER D 104 1.68 9.39 -3.62
C SER D 104 1.11 10.47 -4.53
N GLY D 105 -0.15 10.85 -4.33
CA GLY D 105 -0.76 11.99 -5.02
C GLY D 105 -1.10 11.86 -6.50
N VAL D 106 -1.14 10.63 -7.04
CA VAL D 106 -1.54 10.43 -8.45
C VAL D 106 -3.05 10.24 -8.53
N LYS D 107 -3.72 11.07 -9.32
CA LYS D 107 -5.18 10.98 -9.40
C LYS D 107 -5.63 9.67 -10.06
N GLY D 108 -6.76 9.13 -9.63
CA GLY D 108 -7.22 7.86 -10.13
C GLY D 108 -7.53 7.91 -11.62
N GLU D 109 -8.07 9.02 -12.09
CA GLU D 109 -8.31 9.18 -13.53
C GLU D 109 -7.01 9.04 -14.35
N ARG D 110 -5.88 9.53 -13.80
CA ARG D 110 -4.57 9.33 -14.43
C ARG D 110 -4.13 7.88 -14.41
N ILE D 111 -4.28 7.22 -13.26
CA ILE D 111 -3.93 5.80 -13.13
C ILE D 111 -4.66 5.01 -14.20
N LYS D 112 -5.90 5.40 -14.44
CA LYS D 112 -6.75 4.77 -15.45
C LYS D 112 -6.08 4.84 -16.84
N LYS D 113 -5.64 6.04 -17.22
CA LYS D 113 -4.92 6.28 -18.48
C LYS D 113 -3.63 5.50 -18.55
N ILE D 114 -2.91 5.44 -17.44
CA ILE D 114 -1.63 4.74 -17.36
C ILE D 114 -1.80 3.26 -17.65
N VAL D 115 -2.82 2.67 -17.02
CA VAL D 115 -3.17 1.28 -17.20
C VAL D 115 -3.53 0.98 -18.66
N ASN D 116 -4.31 1.85 -19.29
CA ASN D 116 -4.55 1.69 -20.72
C ASN D 116 -3.28 1.71 -21.58
N ASP D 117 -2.36 2.63 -21.25
CA ASP D 117 -1.11 2.70 -21.97
C ASP D 117 -0.29 1.43 -21.80
N ILE D 118 -0.20 0.96 -20.56
CA ILE D 118 0.54 -0.27 -20.25
C ILE D 118 -0.07 -1.47 -20.99
N LEU D 119 -1.40 -1.45 -21.13
CA LEU D 119 -2.18 -2.55 -21.72
C LEU D 119 -2.26 -2.50 -23.23
N GLY D 120 -2.06 -1.32 -23.82
CA GLY D 120 -2.02 -1.15 -25.27
C GLY D 120 -0.85 -1.82 -25.97
N GLY D 121 0.06 -2.42 -25.21
CA GLY D 121 1.30 -3.01 -25.75
C GLY D 121 1.17 -4.42 -26.33
N LYS D 122 1.78 -4.63 -27.50
CA LYS D 122 1.90 -5.96 -28.11
C LYS D 122 3.27 -6.56 -27.74
N GLN E 2 23.29 20.51 23.60
CA GLN E 2 23.28 21.99 23.93
C GLN E 2 22.39 22.89 23.04
N ALA E 3 22.09 22.51 21.85
CA ALA E 3 21.12 23.22 21.03
C ALA E 3 19.71 23.09 21.61
N MET E 4 18.86 24.18 21.43
CA MET E 4 17.50 24.17 22.04
C MET E 4 16.63 23.07 21.45
N ALA E 5 15.86 22.41 22.33
CA ALA E 5 14.79 21.51 21.90
C ALA E 5 13.70 22.37 21.32
N ILE E 6 13.05 21.87 20.28
CA ILE E 6 11.94 22.53 19.61
C ILE E 6 10.67 21.69 19.80
N THR E 7 9.60 22.35 20.26
CA THR E 7 8.33 21.69 20.46
C THR E 7 7.51 21.67 19.16
N GLN E 8 6.89 20.49 18.89
CA GLN E 8 6.08 20.26 17.69
C GLN E 8 4.58 20.27 17.98
N LYS E 9 3.79 20.53 16.94
CA LYS E 9 2.34 20.49 17.03
C LYS E 9 1.87 19.14 17.56
N ARG E 10 0.93 19.17 18.51
CA ARG E 10 0.19 17.95 18.91
C ARG E 10 -0.65 17.49 17.72
N PRO E 11 -0.55 16.19 17.37
CA PRO E 11 -1.42 15.68 16.26
C PRO E 11 -2.92 16.01 16.51
N VAL E 12 -3.59 16.49 15.47
CA VAL E 12 -4.97 16.95 15.57
C VAL E 12 -5.88 15.91 16.23
N TYR E 13 -5.69 14.64 15.88
CA TYR E 13 -6.49 13.54 16.40
C TYR E 13 -6.32 13.43 17.94
N LEU E 14 -5.13 13.79 18.43
CA LEU E 14 -4.83 13.70 19.86
C LEU E 14 -5.39 14.94 20.59
N GLN E 15 -5.52 16.05 19.88
CA GLN E 15 -6.21 17.20 20.44
C GLN E 15 -7.72 16.84 20.62
N LEU E 16 -8.30 16.12 19.64
CA LEU E 16 -9.72 15.71 19.73
C LEU E 16 -9.91 14.73 20.87
N VAL E 17 -8.96 13.82 21.04
CA VAL E 17 -8.96 12.93 22.19
C VAL E 17 -8.99 13.74 23.48
N ASP E 18 -7.98 14.60 23.65
CA ASP E 18 -7.83 15.44 24.84
C ASP E 18 -9.10 16.21 25.14
N ARG E 19 -9.67 16.81 24.09
CA ARG E 19 -10.92 17.56 24.16
C ARG E 19 -12.12 16.77 24.71
N ILE E 20 -12.38 15.60 24.11
CA ILE E 20 -13.50 14.76 24.54
C ILE E 20 -13.22 14.21 25.93
N LYS E 21 -12.00 13.76 26.15
CA LYS E 21 -11.56 13.16 27.42
C LYS E 21 -11.60 14.19 28.55
N ASN E 22 -11.49 15.47 28.19
CA ASN E 22 -11.68 16.57 29.14
C ASN E 22 -13.16 16.87 29.43
N GLU E 23 -13.99 16.84 28.39
CA GLU E 23 -15.45 16.99 28.58
C GLU E 23 -16.04 15.88 29.45
N VAL E 24 -15.38 14.72 29.43
CA VAL E 24 -15.67 13.66 30.40
C VAL E 24 -15.20 14.17 31.78
N ALA E 25 -13.92 14.51 31.90
CA ALA E 25 -13.36 14.98 33.19
C ALA E 25 -14.16 16.11 33.84
N THR E 26 -14.80 16.96 33.03
CA THR E 26 -15.55 18.12 33.51
C THR E 26 -17.06 17.94 33.43
N ASP E 27 -17.53 16.70 33.39
CA ASP E 27 -18.97 16.40 33.39
C ASP E 27 -19.82 17.19 32.34
N VAL E 28 -19.23 17.57 31.21
CA VAL E 28 -20.03 18.08 30.10
C VAL E 28 -20.61 16.87 29.35
N LEU E 29 -19.85 15.78 29.31
CA LEU E 29 -20.34 14.47 28.91
C LEU E 29 -20.35 13.58 30.15
N SER E 30 -21.50 12.97 30.41
CA SER E 30 -21.63 12.05 31.54
C SER E 30 -21.52 10.60 31.05
N ALA E 31 -21.06 9.72 31.94
CA ALA E 31 -20.97 8.28 31.65
C ALA E 31 -22.22 7.76 30.95
N ASN E 32 -22.02 6.95 29.90
CA ASN E 32 -23.10 6.47 29.01
C ASN E 32 -23.82 7.55 28.16
N ASP E 33 -23.32 8.79 28.13
CA ASP E 33 -23.87 9.78 27.20
C ASP E 33 -23.50 9.44 25.75
N GLN E 34 -24.33 9.94 24.84
CA GLN E 34 -24.26 9.60 23.43
C GLN E 34 -23.24 10.51 22.76
N LEU E 35 -22.20 9.91 22.18
CA LEU E 35 -21.22 10.66 21.43
C LEU E 35 -21.78 10.86 20.01
N PRO E 36 -21.48 11.99 19.37
CA PRO E 36 -21.82 12.11 17.96
C PRO E 36 -21.11 11.08 17.08
N SER E 37 -21.60 10.95 15.85
CA SER E 37 -21.00 10.05 14.88
C SER E 37 -19.71 10.71 14.46
N VAL E 38 -18.80 9.87 13.93
CA VAL E 38 -17.57 10.33 13.31
C VAL E 38 -17.89 11.40 12.26
N ARG E 39 -18.92 11.16 11.45
CA ARG E 39 -19.37 12.11 10.43
C ARG E 39 -19.85 13.46 11.02
N GLU E 40 -20.68 13.41 12.08
CA GLU E 40 -21.21 14.64 12.74
C GLU E 40 -20.09 15.46 13.35
N THR E 41 -19.24 14.79 14.12
CA THR E 41 -18.02 15.41 14.67
C THR E 41 -17.11 16.00 13.60
N ALA E 42 -16.89 15.29 12.51
CA ALA E 42 -16.10 15.81 11.39
C ALA E 42 -16.61 17.17 10.88
N LEU E 43 -17.93 17.23 10.70
CA LEU E 43 -18.58 18.45 10.20
C LEU E 43 -18.54 19.55 11.28
N GLN E 44 -19.11 19.20 12.42
CA GLN E 44 -19.08 19.99 13.66
C GLN E 44 -17.73 20.68 13.94
N GLU E 45 -16.66 19.89 13.99
CA GLU E 45 -15.32 20.40 14.34
C GLU E 45 -14.51 20.76 13.12
N LYS E 46 -15.10 20.70 11.94
CA LYS E 46 -14.38 20.94 10.68
C LYS E 46 -13.06 20.15 10.60
N ILE E 47 -13.07 18.94 11.16
CA ILE E 47 -11.92 18.04 11.17
C ILE E 47 -12.15 16.93 10.15
N ASN E 48 -11.05 16.35 9.70
CA ASN E 48 -11.03 15.24 8.75
C ASN E 48 -11.56 13.92 9.38
N PRO E 49 -12.56 13.29 8.73
CA PRO E 49 -13.13 12.02 9.17
C PRO E 49 -12.12 10.97 9.61
N ASN E 50 -11.05 10.75 8.82
CA ASN E 50 -10.00 9.78 9.20
C ASN E 50 -9.39 10.12 10.54
N THR E 51 -9.08 11.41 10.73
CA THR E 51 -8.57 11.92 12.02
C THR E 51 -9.59 11.71 13.15
N VAL E 52 -10.85 12.10 12.88
CA VAL E 52 -11.94 11.84 13.85
C VAL E 52 -12.03 10.36 14.22
N ALA E 53 -12.02 9.48 13.21
CA ALA E 53 -12.01 8.01 13.44
C ALA E 53 -10.73 7.57 14.18
N LYS E 54 -9.57 8.17 13.85
CA LYS E 54 -8.33 7.91 14.60
C LYS E 54 -8.54 8.25 16.07
N ALA E 55 -9.13 9.41 16.30
CA ALA E 55 -9.46 9.90 17.64
C ALA E 55 -10.45 8.96 18.36
N TYR E 56 -11.57 8.66 17.72
CA TYR E 56 -12.53 7.70 18.28
C TYR E 56 -11.87 6.37 18.63
N LYS E 57 -11.03 5.89 17.72
CA LYS E 57 -10.26 4.66 17.92
C LYS E 57 -9.37 4.73 19.17
N GLU E 58 -8.60 5.80 19.31
CA GLU E 58 -7.81 5.98 20.52
C GLU E 58 -8.66 6.13 21.80
N LEU E 59 -9.77 6.89 21.74
CA LEU E 59 -10.63 7.05 22.92
C LEU E 59 -11.18 5.70 23.41
N GLU E 60 -11.71 4.92 22.47
CA GLU E 60 -12.20 3.58 22.75
C GLU E 60 -11.06 2.70 23.26
N ALA E 61 -9.92 2.73 22.58
CA ALA E 61 -8.71 2.00 22.98
C ALA E 61 -8.24 2.30 24.42
N GLN E 62 -8.50 3.51 24.91
CA GLN E 62 -8.22 3.88 26.31
C GLN E 62 -9.41 3.56 27.22
N LYS E 63 -10.49 3.12 26.60
CA LYS E 63 -11.75 2.82 27.29
C LYS E 63 -12.36 4.07 27.94
N VAL E 64 -12.51 5.15 27.16
CA VAL E 64 -13.29 6.31 27.62
C VAL E 64 -14.58 6.43 26.79
N ILE E 65 -14.62 5.80 25.62
CA ILE E 65 -15.87 5.61 24.90
C ILE E 65 -16.08 4.14 24.48
N ARG E 66 -17.26 3.86 23.92
CA ARG E 66 -17.56 2.55 23.33
C ARG E 66 -18.67 2.67 22.29
N THR E 67 -18.60 1.81 21.27
CA THR E 67 -19.67 1.73 20.26
C THR E 67 -20.65 0.55 20.54
N ILE E 68 -21.93 0.82 20.29
CA ILE E 68 -23.02 -0.12 20.55
C ILE E 68 -23.72 -0.44 19.24
N PRO E 69 -23.65 -1.73 18.80
CA PRO E 69 -24.25 -2.14 17.53
C PRO E 69 -25.70 -1.68 17.37
N GLY E 70 -25.94 -0.93 16.30
CA GLY E 70 -27.28 -0.47 15.97
C GLY E 70 -27.70 0.86 16.59
N LYS E 71 -26.99 1.32 17.64
CA LYS E 71 -27.40 2.54 18.36
C LYS E 71 -26.44 3.74 18.20
N GLY E 72 -25.14 3.51 18.38
CA GLY E 72 -24.12 4.55 18.19
C GLY E 72 -22.90 4.40 19.08
N THR E 73 -22.21 5.52 19.31
CA THR E 73 -21.03 5.56 20.18
C THR E 73 -21.39 6.31 21.45
N PHE E 74 -20.86 5.85 22.58
CA PHE E 74 -21.30 6.29 23.89
C PHE E 74 -20.11 6.46 24.83
N ILE E 75 -20.28 7.34 25.82
CA ILE E 75 -19.27 7.46 26.86
C ILE E 75 -19.33 6.23 27.75
N THR E 76 -18.17 5.68 28.07
CA THR E 76 -18.02 4.62 29.09
C THR E 76 -18.86 4.87 30.36
N GLY E 77 -19.04 3.84 31.18
CA GLY E 77 -19.72 3.96 32.48
C GLY E 77 -18.76 4.13 33.64
N ASN E 78 -17.48 3.84 33.40
CA ASN E 78 -16.40 4.09 34.38
C ASN E 78 -15.79 5.48 34.12
N THR E 79 -16.59 6.51 34.39
CA THR E 79 -16.17 7.92 34.32
C THR E 79 -15.01 8.23 35.28
N ALA E 80 -14.95 7.48 36.39
CA ALA E 80 -14.02 7.78 37.48
C ALA E 80 -12.53 7.58 37.16
N SER E 81 -12.21 6.91 36.05
CA SER E 81 -10.80 6.74 35.66
C SER E 81 -10.29 7.88 34.78
N VAL E 82 -11.19 8.38 33.91
CA VAL E 82 -10.91 9.55 33.07
C VAL E 82 -10.56 10.74 33.97
N LYS E 83 -11.41 10.97 34.97
CA LYS E 83 -11.27 12.05 35.94
C LYS E 83 -9.97 12.00 36.74
N ASN E 84 -9.59 10.81 37.21
CA ASN E 84 -8.48 10.72 38.15
C ASN E 84 -7.09 10.64 37.53
N SER E 85 -7.03 10.50 36.21
CA SER E 85 -5.78 10.77 35.49
C SER E 85 -5.78 12.23 35.02
N ASN E 86 -6.97 12.82 34.91
CA ASN E 86 -7.14 14.24 34.57
C ASN E 86 -6.80 15.16 35.74
N GLN E 87 -7.37 14.86 36.92
CA GLN E 87 -7.11 15.63 38.14
C GLN E 87 -5.66 15.53 38.59
N ASN E 88 -4.99 14.44 38.24
CA ASN E 88 -3.59 14.25 38.58
C ASN E 88 -2.65 14.92 37.59
N ARG E 89 -3.13 15.07 36.35
CA ARG E 89 -2.47 15.89 35.34
C ARG E 89 -2.55 17.39 35.68
N LEU E 90 -3.74 17.84 36.09
CA LEU E 90 -3.96 19.21 36.57
C LEU E 90 -3.10 19.49 37.79
N LEU E 91 -3.10 18.57 38.75
CA LEU E 91 -2.24 18.67 39.93
C LEU E 91 -0.74 18.65 39.55
N ALA E 92 -0.42 18.03 38.42
CA ALA E 92 0.93 18.06 37.85
C ALA E 92 1.27 19.47 37.31
N ASP E 93 0.34 20.00 36.50
CA ASP E 93 0.50 21.34 35.93
C ASP E 93 0.59 22.42 37.00
N LEU E 94 -0.14 22.23 38.11
CA LEU E 94 -0.12 23.16 39.25
C LEU E 94 1.25 23.25 39.89
N SER E 95 1.82 22.09 40.19
CA SER E 95 3.14 22.00 40.83
C SER E 95 4.26 22.55 39.92
N GLN E 96 4.17 22.29 38.62
CA GLN E 96 5.10 22.86 37.64
C GLN E 96 5.06 24.40 37.57
N VAL E 97 3.85 24.99 37.61
CA VAL E 97 3.70 26.44 37.59
C VAL E 97 4.14 27.07 38.92
N ILE E 98 3.70 26.51 40.06
CA ILE E 98 4.17 26.97 41.38
C ILE E 98 5.68 26.84 41.43
N ALA E 99 6.19 25.75 40.86
CA ALA E 99 7.62 25.52 40.74
C ALA E 99 8.28 26.71 40.06
N GLU E 100 7.99 26.88 38.78
CA GLU E 100 8.64 27.88 37.95
C GLU E 100 8.37 29.31 38.44
N LEU E 101 7.28 29.49 39.20
CA LEU E 101 7.01 30.77 39.86
C LEU E 101 8.04 31.09 40.95
N ILE E 102 8.24 30.16 41.89
CA ILE E 102 9.23 30.35 42.98
C ILE E 102 10.68 30.40 42.45
N LYS E 103 10.89 29.84 41.26
CA LYS E 103 12.18 29.86 40.58
C LYS E 103 12.56 31.23 40.00
N SER E 104 11.61 32.16 39.93
CA SER E 104 11.86 33.41 39.21
C SER E 104 11.24 34.72 39.78
N GLY E 105 11.19 34.94 41.09
CA GLY E 105 11.57 34.01 42.14
C GLY E 105 10.64 34.29 43.30
N VAL E 106 9.33 34.16 43.04
CA VAL E 106 8.26 34.53 43.99
C VAL E 106 8.35 33.77 45.32
N LYS E 107 8.47 34.52 46.42
CA LYS E 107 8.46 33.97 47.79
C LYS E 107 7.29 33.00 47.97
N GLY E 108 7.54 31.96 48.77
CA GLY E 108 6.58 30.88 49.00
C GLY E 108 5.35 31.28 49.79
N GLU E 109 5.52 32.07 50.84
CA GLU E 109 4.38 32.50 51.68
C GLU E 109 3.47 33.49 50.95
N ARG E 110 3.99 34.11 49.87
CA ARG E 110 3.21 35.00 49.01
C ARG E 110 2.51 34.24 47.87
N ILE E 111 3.17 33.20 47.33
CA ILE E 111 2.50 32.21 46.48
C ILE E 111 1.22 31.71 47.14
N LYS E 112 1.28 31.41 48.43
CA LYS E 112 0.11 31.03 49.20
C LYS E 112 -0.95 32.13 49.24
N LYS E 113 -0.51 33.38 49.43
CA LYS E 113 -1.42 34.54 49.45
C LYS E 113 -2.11 34.74 48.12
N ILE E 114 -1.35 34.52 47.06
CA ILE E 114 -1.82 34.60 45.70
C ILE E 114 -2.91 33.55 45.48
N VAL E 115 -2.55 32.29 45.72
CA VAL E 115 -3.51 31.17 45.62
C VAL E 115 -4.78 31.37 46.46
N ASN E 116 -4.66 31.92 47.66
CA ASN E 116 -5.83 32.20 48.48
C ASN E 116 -6.75 33.31 47.93
N ASP E 117 -6.14 34.36 47.37
CA ASP E 117 -6.86 35.44 46.71
C ASP E 117 -7.57 34.88 45.47
N ILE E 118 -6.84 34.15 44.64
CA ILE E 118 -7.42 33.50 43.48
C ILE E 118 -8.64 32.66 43.84
N LEU E 119 -8.54 31.84 44.88
CA LEU E 119 -9.63 30.95 45.30
C LEU E 119 -10.81 31.68 45.93
N GLY E 120 -10.57 32.84 46.54
CA GLY E 120 -11.65 33.71 46.99
C GLY E 120 -12.43 34.23 45.81
N GLY E 121 -11.74 34.35 44.67
CA GLY E 121 -12.35 34.67 43.39
C GLY E 121 -13.37 33.62 43.01
N LYS E 122 -12.91 32.38 42.88
CA LYS E 122 -13.78 31.25 42.53
C LYS E 122 -14.91 31.11 43.53
N ASN E 123 -14.59 31.22 44.81
CA ASN E 123 -15.61 31.18 45.86
C ASN E 123 -16.81 32.10 45.55
N ALA E 124 -16.53 33.38 45.27
CA ALA E 124 -17.59 34.40 45.06
C ALA E 124 -18.53 34.08 43.88
N GLU E 125 -17.99 33.43 42.86
CA GLU E 125 -18.74 33.07 41.65
C GLU E 125 -20.02 32.29 41.99
#